data_5F31
#
_entry.id   5F31
#
_cell.length_a   80.302
_cell.length_b   80.302
_cell.length_c   113.766
_cell.angle_alpha   90.00
_cell.angle_beta   90.00
_cell.angle_gamma   90.00
#
_symmetry.space_group_name_H-M   'P 42 21 2'
#
loop_
_entity.id
_entity.type
_entity.pdbx_description
1 polymer 'Phosphatidylinositol mannoside acyltransferase'
2 non-polymer 'PALMITIC ACID'
3 non-polymer ETHANOL
4 non-polymer 'SODIUM ION'
5 water water
#
_entity_poly.entity_id   1
_entity_poly.type   'polypeptide(L)'
_entity_poly.pdbx_seq_one_letter_code
;MPEVVFGSVTDLGYAAGWRLVRAMPEAMAQGVFGAGARYAARNGGPEQLRRNLARVVGKPPADVPDDLIRASLASYARYW
REAFRLPAMDHGRLGEQLDVIDIDHLWSALDAGRGAVLALPHSGNWDMAGVWLVQNYGPFTTVAERLKPESLYRRFVEYR
ESLGFEVLPLTGGERPPFEVLAERLTDNRPICLMAERDLTRSGVQVDFFGEATRMPAGPAKLAIETGAALFPVHCWFEGD
GWGMRVYPELDTSSGDVTAITQALADRFAANIATYPADWHMLQPQWIADLSDERRARLGTSRHHHHHH
;
_entity_poly.pdbx_strand_id   A
#
loop_
_chem_comp.id
_chem_comp.type
_chem_comp.name
_chem_comp.formula
EOH non-polymer ETHANOL 'C2 H6 O'
NA non-polymer 'SODIUM ION' 'Na 1'
PLM non-polymer 'PALMITIC ACID' 'C16 H32 O2'
#
# COMPACT_ATOMS: atom_id res chain seq x y z
N GLY A 44 16.80 -3.31 5.39
CA GLY A 44 17.66 -4.45 5.18
C GLY A 44 18.49 -4.32 3.92
N GLY A 45 18.04 -3.46 3.02
CA GLY A 45 18.82 -3.13 1.83
C GLY A 45 18.68 -4.15 0.71
N PRO A 46 19.58 -4.05 -0.29
CA PRO A 46 19.59 -4.91 -1.47
C PRO A 46 19.63 -6.40 -1.13
N GLU A 47 20.32 -6.75 -0.06
CA GLU A 47 20.42 -8.14 0.36
C GLU A 47 19.05 -8.65 0.77
N GLN A 48 18.24 -7.80 1.39
CA GLN A 48 16.91 -8.19 1.83
C GLN A 48 15.94 -8.20 0.66
N LEU A 49 16.08 -7.21 -0.21
CA LEU A 49 15.32 -7.15 -1.45
C LEU A 49 15.52 -8.45 -2.22
N ARG A 50 16.77 -8.86 -2.30
CA ARG A 50 17.18 -10.09 -2.96
C ARG A 50 16.46 -11.29 -2.36
N ARG A 51 16.45 -11.37 -1.03
CA ARG A 51 15.78 -12.47 -0.33
C ARG A 51 14.27 -12.42 -0.50
N ASN A 52 13.74 -11.24 -0.81
CA ASN A 52 12.31 -11.06 -0.99
C ASN A 52 11.86 -11.46 -2.40
N LEU A 53 12.58 -10.97 -3.41
CA LEU A 53 12.29 -11.35 -4.79
C LEU A 53 12.40 -12.85 -4.97
N ALA A 54 13.21 -13.49 -4.13
CA ALA A 54 13.38 -14.93 -4.14
C ALA A 54 12.04 -15.66 -4.01
N ARG A 55 11.20 -15.19 -3.11
CA ARG A 55 9.87 -15.77 -2.92
C ARG A 55 8.95 -15.47 -4.11
N VAL A 56 9.16 -14.31 -4.72
CA VAL A 56 8.32 -13.88 -5.83
C VAL A 56 8.49 -14.77 -7.05
N VAL A 57 9.74 -15.09 -7.37
CA VAL A 57 10.04 -15.85 -8.58
C VAL A 57 10.40 -17.31 -8.28
N GLY A 58 10.16 -17.73 -7.04
CA GLY A 58 10.42 -19.10 -6.63
C GLY A 58 11.84 -19.56 -6.90
N LYS A 59 12.79 -18.93 -6.20
CA LYS A 59 14.20 -19.14 -6.50
C LYS A 59 15.00 -18.94 -5.22
N PRO A 60 16.12 -19.66 -5.07
CA PRO A 60 17.01 -19.25 -3.97
C PRO A 60 17.53 -17.84 -4.22
N PRO A 61 17.74 -17.05 -3.16
CA PRO A 61 18.16 -15.65 -3.29
C PRO A 61 19.40 -15.48 -4.18
N ALA A 62 20.31 -16.44 -4.09
CA ALA A 62 21.55 -16.35 -4.84
C ALA A 62 21.31 -16.54 -6.34
N ASP A 63 20.22 -17.20 -6.69
CA ASP A 63 19.90 -17.49 -8.08
C ASP A 63 18.86 -16.54 -8.68
N VAL A 64 18.48 -15.52 -7.93
CA VAL A 64 17.52 -14.54 -8.42
C VAL A 64 18.17 -13.79 -9.59
N PRO A 65 17.43 -13.63 -10.71
CA PRO A 65 18.02 -12.98 -11.89
C PRO A 65 18.50 -11.55 -11.62
N ASP A 66 19.68 -11.21 -12.11
CA ASP A 66 20.29 -9.92 -11.79
C ASP A 66 19.63 -8.74 -12.49
N ASP A 67 19.08 -8.97 -13.68
CA ASP A 67 18.38 -7.91 -14.39
C ASP A 67 17.14 -7.48 -13.61
N LEU A 68 16.51 -8.44 -12.94
CA LEU A 68 15.35 -8.15 -12.11
C LEU A 68 15.76 -7.32 -10.90
N ILE A 69 16.82 -7.74 -10.23
CA ILE A 69 17.33 -7.00 -9.08
C ILE A 69 17.69 -5.59 -9.48
N ARG A 70 18.39 -5.44 -10.60
CA ARG A 70 18.74 -4.11 -11.11
C ARG A 70 17.50 -3.26 -11.33
N ALA A 71 16.48 -3.84 -11.95
CA ALA A 71 15.24 -3.12 -12.21
C ALA A 71 14.57 -2.70 -10.92
N SER A 72 14.54 -3.60 -9.95
CA SER A 72 13.88 -3.34 -8.67
C SER A 72 14.53 -2.18 -7.92
N LEU A 73 15.85 -2.18 -7.87
CA LEU A 73 16.57 -1.13 -7.18
C LEU A 73 16.42 0.20 -7.90
N ALA A 74 16.30 0.15 -9.22
CA ALA A 74 16.10 1.36 -10.01
C ALA A 74 14.75 1.97 -9.71
N SER A 75 13.76 1.12 -9.43
CA SER A 75 12.42 1.59 -9.05
C SER A 75 12.47 2.22 -7.66
N TYR A 76 13.12 1.54 -6.73
CA TYR A 76 13.30 2.07 -5.38
C TYR A 76 13.92 3.46 -5.44
N ALA A 77 14.96 3.60 -6.27
CA ALA A 77 15.64 4.87 -6.40
C ALA A 77 14.73 5.90 -7.06
N ARG A 78 13.89 5.44 -7.97
CA ARG A 78 13.02 6.33 -8.71
C ARG A 78 11.98 6.97 -7.80
N TYR A 79 11.45 6.18 -6.87
CA TYR A 79 10.47 6.67 -5.90
C TYR A 79 11.00 7.89 -5.17
N TRP A 80 12.21 7.77 -4.64
CA TRP A 80 12.82 8.85 -3.89
C TRP A 80 13.18 10.04 -4.77
N ARG A 81 13.66 9.77 -5.98
CA ARG A 81 14.00 10.84 -6.92
C ARG A 81 12.74 11.63 -7.30
N GLU A 82 11.60 10.95 -7.32
CA GLU A 82 10.34 11.58 -7.66
C GLU A 82 9.75 12.31 -6.46
N ALA A 83 9.85 11.71 -5.28
CA ALA A 83 9.40 12.36 -4.05
C ALA A 83 10.04 13.74 -3.90
N PHE A 84 11.26 13.86 -4.38
CA PHE A 84 11.99 15.12 -4.34
C PHE A 84 11.25 16.21 -5.12
N ARG A 85 10.92 15.92 -6.38
CA ARG A 85 10.33 16.92 -7.26
C ARG A 85 8.80 16.98 -7.18
N LEU A 86 8.18 15.89 -6.73
CA LEU A 86 6.73 15.70 -6.83
C LEU A 86 5.89 16.90 -6.35
N PRO A 87 6.26 17.51 -5.22
CA PRO A 87 5.48 18.66 -4.77
C PRO A 87 5.55 19.85 -5.71
N ALA A 88 6.59 19.90 -6.55
CA ALA A 88 6.81 21.03 -7.44
C ALA A 88 6.28 20.79 -8.84
N MET A 89 5.74 19.60 -9.09
CA MET A 89 5.22 19.25 -10.41
C MET A 89 3.79 19.77 -10.58
N ASP A 90 3.31 19.78 -11.82
CA ASP A 90 1.95 20.20 -12.12
C ASP A 90 0.98 19.04 -11.89
N HIS A 91 0.31 19.06 -10.74
CA HIS A 91 -0.60 17.99 -10.38
C HIS A 91 -1.78 17.94 -11.35
N GLY A 92 -2.11 19.09 -11.94
CA GLY A 92 -3.20 19.16 -12.88
C GLY A 92 -2.94 18.37 -14.15
N ARG A 93 -1.76 18.58 -14.73
CA ARG A 93 -1.36 17.88 -15.94
C ARG A 93 -1.27 16.37 -15.68
N LEU A 94 -0.84 16.01 -14.47
CA LEU A 94 -0.73 14.61 -14.09
C LEU A 94 -2.11 13.99 -13.89
N GLY A 95 -3.06 14.79 -13.41
CA GLY A 95 -4.43 14.33 -13.25
C GLY A 95 -5.06 13.99 -14.58
N GLU A 96 -4.70 14.76 -15.60
CA GLU A 96 -5.24 14.57 -16.94
C GLU A 96 -4.47 13.49 -17.70
N GLN A 97 -3.14 13.55 -17.64
CA GLN A 97 -2.29 12.66 -18.42
C GLN A 97 -2.37 11.21 -17.96
N LEU A 98 -2.20 10.98 -16.66
CA LEU A 98 -2.20 9.62 -16.13
C LEU A 98 -3.63 9.11 -16.00
N ASP A 99 -3.77 7.78 -15.96
CA ASP A 99 -5.09 7.15 -15.85
C ASP A 99 -5.04 5.92 -14.96
N VAL A 100 -6.20 5.35 -14.67
CA VAL A 100 -6.32 4.17 -13.82
C VAL A 100 -7.27 3.15 -14.45
N ILE A 101 -6.74 1.95 -14.67
CA ILE A 101 -7.50 0.87 -15.30
C ILE A 101 -8.61 0.39 -14.38
N ASP A 102 -9.82 0.28 -14.93
CA ASP A 102 -10.99 -0.19 -14.21
C ASP A 102 -11.28 0.65 -12.97
N ILE A 103 -11.07 1.96 -13.09
CA ILE A 103 -11.39 2.91 -12.02
C ILE A 103 -12.89 2.90 -11.72
N ASP A 104 -13.69 2.51 -12.72
CA ASP A 104 -15.14 2.49 -12.60
C ASP A 104 -15.63 1.73 -11.36
N HIS A 105 -14.82 0.77 -10.91
CA HIS A 105 -15.15 0.05 -9.68
C HIS A 105 -15.31 1.02 -8.52
N LEU A 106 -14.38 1.96 -8.42
CA LEU A 106 -14.41 2.96 -7.37
C LEU A 106 -15.55 3.94 -7.55
N TRP A 107 -15.70 4.46 -8.77
CA TRP A 107 -16.78 5.39 -9.08
C TRP A 107 -18.14 4.75 -8.88
N SER A 108 -18.29 3.50 -9.30
CA SER A 108 -19.55 2.79 -9.19
C SER A 108 -19.74 2.20 -7.79
N ALA A 109 -19.33 2.96 -6.78
CA ALA A 109 -19.46 2.54 -5.39
C ALA A 109 -19.65 3.76 -4.52
N LEU A 110 -18.92 4.82 -4.83
CA LEU A 110 -19.09 6.10 -4.15
C LEU A 110 -20.39 6.76 -4.61
N ASP A 111 -20.69 6.61 -5.89
CA ASP A 111 -21.96 7.11 -6.43
C ASP A 111 -23.12 6.30 -5.85
N ALA A 112 -22.82 5.13 -5.30
CA ALA A 112 -23.81 4.30 -4.62
C ALA A 112 -23.84 4.62 -3.13
N GLY A 113 -22.98 5.55 -2.71
CA GLY A 113 -22.93 5.98 -1.33
C GLY A 113 -22.57 4.86 -0.35
N ARG A 114 -21.38 4.30 -0.52
CA ARG A 114 -20.89 3.24 0.37
C ARG A 114 -19.62 3.69 1.07
N GLY A 115 -18.79 4.44 0.34
CA GLY A 115 -17.41 4.66 0.74
C GLY A 115 -16.60 3.49 0.25
N ALA A 116 -15.28 3.66 0.18
CA ALA A 116 -14.42 2.62 -0.38
C ALA A 116 -13.06 2.52 0.30
N VAL A 117 -12.58 1.28 0.44
CA VAL A 117 -11.24 1.00 0.95
C VAL A 117 -10.33 0.68 -0.22
N LEU A 118 -9.32 1.51 -0.43
CA LEU A 118 -8.32 1.28 -1.46
C LEU A 118 -7.03 0.73 -0.84
N ALA A 119 -6.89 -0.59 -0.88
CA ALA A 119 -5.75 -1.27 -0.26
C ALA A 119 -4.70 -1.64 -1.30
N LEU A 120 -3.48 -1.12 -1.11
CA LEU A 120 -2.40 -1.31 -2.08
C LEU A 120 -1.09 -1.69 -1.41
N PRO A 121 -0.21 -2.42 -2.15
CA PRO A 121 1.11 -2.75 -1.62
C PRO A 121 2.13 -1.67 -1.94
N HIS A 122 3.34 -1.79 -1.40
CA HIS A 122 4.39 -0.82 -1.66
C HIS A 122 5.04 -1.09 -3.02
N SER A 123 4.29 -0.83 -4.08
CA SER A 123 4.77 -1.02 -5.44
C SER A 123 4.56 0.26 -6.23
N GLY A 124 5.44 0.51 -7.20
CA GLY A 124 5.38 1.71 -8.00
C GLY A 124 5.53 2.97 -7.18
N ASN A 125 4.79 4.01 -7.55
CA ASN A 125 4.76 5.25 -6.79
C ASN A 125 3.36 5.53 -6.27
N TRP A 126 3.13 5.14 -5.03
CA TRP A 126 1.83 5.30 -4.40
C TRP A 126 1.52 6.77 -4.09
N ASP A 127 2.56 7.59 -3.95
CA ASP A 127 2.37 9.00 -3.68
C ASP A 127 1.83 9.71 -4.92
N MET A 128 2.23 9.24 -6.09
CA MET A 128 1.77 9.82 -7.34
C MET A 128 0.33 9.41 -7.60
N ALA A 129 -0.03 8.19 -7.21
CA ALA A 129 -1.39 7.72 -7.35
C ALA A 129 -2.32 8.51 -6.42
N GLY A 130 -1.76 8.98 -5.32
CA GLY A 130 -2.49 9.84 -4.40
C GLY A 130 -2.79 11.18 -5.05
N VAL A 131 -1.79 11.77 -5.68
CA VAL A 131 -1.96 13.01 -6.41
C VAL A 131 -3.09 12.90 -7.43
N TRP A 132 -3.13 11.77 -8.13
CA TRP A 132 -4.13 11.57 -9.17
C TRP A 132 -5.54 11.62 -8.60
N LEU A 133 -5.75 10.91 -7.50
CA LEU A 133 -7.06 10.84 -6.86
C LEU A 133 -7.50 12.22 -6.37
N VAL A 134 -6.56 12.99 -5.85
CA VAL A 134 -6.84 14.35 -5.39
C VAL A 134 -7.35 15.20 -6.56
N GLN A 135 -6.84 14.93 -7.75
CA GLN A 135 -7.17 15.72 -8.93
C GLN A 135 -8.35 15.15 -9.71
N ASN A 136 -8.82 13.97 -9.30
CA ASN A 136 -9.95 13.32 -9.94
C ASN A 136 -11.00 12.89 -8.92
N TYR A 137 -10.97 13.54 -7.76
CA TYR A 137 -11.98 13.35 -6.71
C TYR A 137 -11.82 14.46 -5.69
N GLY A 138 -10.66 14.50 -5.06
CA GLY A 138 -10.37 15.48 -4.02
C GLY A 138 -9.62 14.83 -2.88
N PRO A 139 -9.30 15.62 -1.84
CA PRO A 139 -8.59 15.17 -0.64
C PRO A 139 -9.15 13.88 -0.05
N PHE A 140 -8.27 12.93 0.23
CA PHE A 140 -8.65 11.67 0.88
C PHE A 140 -7.82 11.47 2.14
N THR A 141 -8.15 10.43 2.91
CA THR A 141 -7.48 10.18 4.19
C THR A 141 -6.80 8.82 4.21
N THR A 142 -5.52 8.83 4.60
CA THR A 142 -4.74 7.61 4.78
C THR A 142 -4.04 7.66 6.13
N VAL A 143 -3.17 6.68 6.39
CA VAL A 143 -2.36 6.66 7.59
C VAL A 143 -0.90 6.38 7.24
N ALA A 144 0.01 6.90 8.06
CA ALA A 144 1.44 6.65 7.87
C ALA A 144 2.07 6.32 9.21
N GLU A 145 2.92 5.29 9.22
CA GLU A 145 3.64 4.90 10.43
C GLU A 145 4.42 6.08 10.94
N ARG A 146 4.25 6.40 12.23
CA ARG A 146 4.92 7.54 12.83
C ARG A 146 6.40 7.24 13.00
N LEU A 147 7.24 8.02 12.33
CA LEU A 147 8.67 7.80 12.33
C LEU A 147 9.34 8.61 13.43
N LYS A 148 10.55 8.21 13.80
CA LYS A 148 11.38 8.97 14.73
C LYS A 148 12.73 9.23 14.07
N PRO A 149 13.24 10.48 14.18
CA PRO A 149 12.74 11.61 14.96
C PRO A 149 11.44 12.20 14.44
N GLU A 150 10.75 12.97 15.29
CA GLU A 150 9.53 13.66 14.88
C GLU A 150 9.86 14.65 13.76
N SER A 151 11.08 15.18 13.80
CA SER A 151 11.57 16.08 12.76
C SER A 151 11.50 15.42 11.39
N LEU A 152 11.66 14.09 11.38
CA LEU A 152 11.58 13.32 10.14
C LEU A 152 10.12 13.09 9.77
N TYR A 153 9.31 12.79 10.77
CA TYR A 153 7.88 12.58 10.57
C TYR A 153 7.24 13.87 10.07
N ARG A 154 7.62 14.99 10.67
CA ARG A 154 7.07 16.28 10.27
C ARG A 154 7.46 16.62 8.84
N ARG A 155 8.54 16.02 8.35
CA ARG A 155 9.00 16.27 6.99
C ARG A 155 8.16 15.46 6.00
N PHE A 156 7.70 14.29 6.42
CA PHE A 156 6.89 13.44 5.57
C PHE A 156 5.46 13.95 5.48
N VAL A 157 4.93 14.44 6.60
CA VAL A 157 3.59 15.01 6.63
C VAL A 157 3.55 16.27 5.78
N GLU A 158 4.57 17.12 5.92
CA GLU A 158 4.67 18.34 5.14
C GLU A 158 4.78 18.03 3.64
N TYR A 159 5.28 16.84 3.33
CA TYR A 159 5.42 16.41 1.95
C TYR A 159 4.09 15.88 1.41
N ARG A 160 3.47 14.98 2.16
CA ARG A 160 2.23 14.36 1.71
C ARG A 160 1.03 15.31 1.86
N GLU A 161 1.20 16.40 2.58
CA GLU A 161 0.17 17.43 2.66
C GLU A 161 0.30 18.39 1.49
N SER A 162 1.52 18.49 0.95
CA SER A 162 1.76 19.31 -0.23
C SER A 162 1.23 18.63 -1.49
N LEU A 163 0.76 17.38 -1.34
CA LEU A 163 0.21 16.63 -2.46
C LEU A 163 -1.32 16.62 -2.41
N GLY A 164 -1.88 17.01 -1.27
CA GLY A 164 -3.30 17.28 -1.16
C GLY A 164 -4.15 16.26 -0.41
N PHE A 165 -3.51 15.33 0.30
CA PHE A 165 -4.27 14.39 1.13
C PHE A 165 -3.91 14.47 2.60
N GLU A 166 -4.71 13.78 3.42
CA GLU A 166 -4.59 13.82 4.87
C GLU A 166 -4.01 12.52 5.41
N VAL A 167 -2.90 12.64 6.13
CA VAL A 167 -2.26 11.48 6.77
C VAL A 167 -2.50 11.50 8.28
N LEU A 168 -2.89 10.35 8.82
CA LEU A 168 -3.09 10.19 10.26
C LEU A 168 -2.02 9.29 10.84
N PRO A 169 -1.31 9.75 11.89
CA PRO A 169 -0.31 8.87 12.51
C PRO A 169 -0.98 7.76 13.31
N LEU A 170 -0.34 6.60 13.40
CA LEU A 170 -0.90 5.47 14.12
C LEU A 170 -0.80 5.67 15.63
N THR A 171 0.03 6.63 16.05
CA THR A 171 0.20 6.94 17.46
C THR A 171 0.38 8.44 17.66
N GLY A 172 -0.11 8.96 18.78
CA GLY A 172 0.01 10.37 19.09
C GLY A 172 -1.05 11.21 18.41
N GLY A 173 -2.31 10.80 18.57
CA GLY A 173 -3.43 11.48 17.96
C GLY A 173 -4.51 11.81 18.98
N GLU A 174 -5.31 12.83 18.69
CA GLU A 174 -6.43 13.19 19.53
C GLU A 174 -7.45 12.05 19.55
N ARG A 175 -7.35 11.16 18.57
CA ARG A 175 -8.24 10.00 18.49
C ARG A 175 -7.50 8.80 17.90
N PRO A 176 -8.13 7.62 17.98
CA PRO A 176 -7.64 6.47 17.22
C PRO A 176 -7.87 6.69 15.73
N PRO A 177 -6.86 6.42 14.88
CA PRO A 177 -7.05 6.68 13.45
C PRO A 177 -8.19 5.86 12.87
N PHE A 178 -8.32 4.62 13.33
CA PHE A 178 -9.39 3.73 12.92
C PHE A 178 -10.74 4.43 13.06
N GLU A 179 -10.92 5.13 14.18
CA GLU A 179 -12.16 5.85 14.45
C GLU A 179 -12.48 6.84 13.34
N VAL A 180 -11.48 7.63 12.95
CA VAL A 180 -11.66 8.63 11.91
C VAL A 180 -11.98 7.99 10.56
N LEU A 181 -11.13 7.07 10.13
CA LEU A 181 -11.28 6.40 8.84
C LEU A 181 -12.69 5.82 8.68
N ALA A 182 -13.22 5.25 9.75
CA ALA A 182 -14.56 4.68 9.74
C ALA A 182 -15.61 5.76 9.47
N GLU A 183 -15.40 6.93 10.07
CA GLU A 183 -16.34 8.04 9.90
C GLU A 183 -16.25 8.63 8.49
N ARG A 184 -15.09 8.50 7.86
CA ARG A 184 -14.93 8.93 6.49
C ARG A 184 -15.71 8.00 5.56
N LEU A 185 -15.54 6.70 5.75
CA LEU A 185 -16.23 5.70 4.94
C LEU A 185 -17.74 5.85 5.10
N THR A 186 -18.16 6.29 6.28
CA THR A 186 -19.58 6.52 6.56
C THR A 186 -20.06 7.80 5.89
N ASP A 187 -19.12 8.71 5.65
CA ASP A 187 -19.43 9.95 4.94
C ASP A 187 -19.36 9.76 3.43
N ASN A 188 -19.42 8.50 3.00
CA ASN A 188 -19.39 8.15 1.58
C ASN A 188 -18.11 8.61 0.90
N ARG A 189 -16.96 8.31 1.53
CA ARG A 189 -15.66 8.76 1.04
C ARG A 189 -14.71 7.57 0.89
N PRO A 190 -13.59 7.77 0.16
CA PRO A 190 -12.58 6.73 0.01
C PRO A 190 -11.39 6.93 0.93
N ILE A 191 -10.77 5.81 1.33
CA ILE A 191 -9.51 5.84 2.08
C ILE A 191 -8.48 5.00 1.35
N CYS A 192 -7.21 5.27 1.61
CA CYS A 192 -6.11 4.52 1.01
C CYS A 192 -5.20 3.96 2.10
N LEU A 193 -4.87 2.67 2.00
CA LEU A 193 -4.09 1.99 3.03
C LEU A 193 -3.06 1.01 2.46
N MET A 194 -1.82 1.17 2.92
CA MET A 194 -0.77 0.19 2.67
C MET A 194 -1.12 -1.08 3.43
N ALA A 195 -1.26 -2.20 2.71
CA ALA A 195 -1.94 -3.37 3.25
C ALA A 195 -1.20 -4.70 3.10
N GLU A 196 0.08 -4.67 2.77
CA GLU A 196 0.83 -5.92 2.59
C GLU A 196 1.90 -6.17 3.67
N ARG A 197 2.08 -5.22 4.58
CA ARG A 197 3.12 -5.36 5.61
C ARG A 197 2.75 -4.72 6.95
N ASP A 198 2.59 -5.57 7.97
CA ASP A 198 2.44 -5.12 9.35
C ASP A 198 3.00 -6.17 10.30
N LEU A 199 4.30 -6.04 10.61
CA LEU A 199 5.00 -7.03 11.41
C LEU A 199 4.94 -6.69 12.90
N THR A 200 3.77 -6.90 13.49
CA THR A 200 3.56 -6.65 14.92
C THR A 200 2.66 -7.73 15.50
N ARG A 201 2.34 -7.61 16.78
CA ARG A 201 1.41 -8.53 17.42
C ARG A 201 0.01 -8.35 16.85
N SER A 202 -0.27 -7.15 16.35
CA SER A 202 -1.57 -6.84 15.75
C SER A 202 -1.71 -7.40 14.34
N GLY A 203 -0.59 -7.82 13.75
CA GLY A 203 -0.59 -8.30 12.38
C GLY A 203 -1.40 -9.58 12.22
N VAL A 204 -1.80 -9.86 10.98
CA VAL A 204 -2.62 -11.03 10.67
C VAL A 204 -1.81 -12.07 9.89
N GLN A 205 -1.56 -13.21 10.53
CA GLN A 205 -0.79 -14.29 9.93
C GLN A 205 -1.42 -14.80 8.64
N VAL A 206 -0.85 -14.41 7.50
CA VAL A 206 -1.31 -14.85 6.19
C VAL A 206 -0.15 -15.42 5.39
N ASP A 207 -0.46 -16.29 4.43
CA ASP A 207 0.54 -16.81 3.51
C ASP A 207 0.70 -15.87 2.33
N PHE A 208 1.96 -15.66 1.93
CA PHE A 208 2.30 -14.70 0.90
C PHE A 208 3.46 -15.28 0.09
N PHE A 209 3.16 -15.71 -1.13
CA PHE A 209 4.11 -16.46 -1.94
C PHE A 209 4.57 -17.71 -1.21
N GLY A 210 3.61 -18.40 -0.60
CA GLY A 210 3.86 -19.68 0.04
C GLY A 210 4.65 -19.64 1.34
N GLU A 211 4.72 -18.45 1.95
CA GLU A 211 5.41 -18.29 3.22
C GLU A 211 4.66 -17.35 4.14
N ALA A 212 4.84 -17.56 5.44
CA ALA A 212 4.09 -16.82 6.46
C ALA A 212 4.60 -15.39 6.65
N THR A 213 3.67 -14.45 6.59
CA THR A 213 3.94 -13.05 6.90
C THR A 213 2.77 -12.51 7.71
N ARG A 214 2.78 -11.21 7.98
CA ARG A 214 1.67 -10.56 8.69
C ARG A 214 1.29 -9.25 8.02
N MET A 215 -0.01 -9.07 7.81
CA MET A 215 -0.56 -7.88 7.17
C MET A 215 -1.59 -7.23 8.09
N PRO A 216 -1.83 -5.92 7.91
CA PRO A 216 -2.78 -5.22 8.78
C PRO A 216 -4.22 -5.70 8.61
N ALA A 217 -5.02 -5.58 9.67
CA ALA A 217 -6.42 -5.97 9.63
C ALA A 217 -7.32 -4.77 9.32
N GLY A 218 -6.74 -3.58 9.41
CA GLY A 218 -7.46 -2.34 9.17
C GLY A 218 -8.39 -2.35 7.96
N PRO A 219 -7.85 -2.71 6.79
CA PRO A 219 -8.66 -2.77 5.56
C PRO A 219 -9.87 -3.69 5.70
N ALA A 220 -9.72 -4.77 6.45
CA ALA A 220 -10.80 -5.75 6.60
C ALA A 220 -11.84 -5.30 7.62
N LYS A 221 -11.38 -4.81 8.77
CA LYS A 221 -12.29 -4.40 9.83
C LYS A 221 -13.15 -3.21 9.40
N LEU A 222 -12.50 -2.18 8.86
CA LEU A 222 -13.20 -1.00 8.39
C LEU A 222 -14.22 -1.35 7.31
N ALA A 223 -13.96 -2.44 6.58
CA ALA A 223 -14.84 -2.88 5.52
C ALA A 223 -16.06 -3.62 6.08
N ILE A 224 -15.81 -4.55 6.98
CA ILE A 224 -16.89 -5.30 7.63
C ILE A 224 -17.79 -4.35 8.41
N GLU A 225 -17.18 -3.36 9.05
CA GLU A 225 -17.91 -2.41 9.88
C GLU A 225 -18.79 -1.47 9.05
N THR A 226 -18.15 -0.62 8.26
CA THR A 226 -18.87 0.41 7.51
C THR A 226 -19.56 -0.15 6.27
N GLY A 227 -19.31 -1.42 5.98
CA GLY A 227 -19.89 -2.06 4.80
C GLY A 227 -19.32 -1.53 3.50
N ALA A 228 -18.27 -0.73 3.60
CA ALA A 228 -17.66 -0.10 2.43
C ALA A 228 -17.03 -1.14 1.50
N ALA A 229 -16.80 -0.74 0.26
CA ALA A 229 -16.21 -1.64 -0.73
C ALA A 229 -14.70 -1.75 -0.52
N LEU A 230 -14.20 -2.99 -0.49
CA LEU A 230 -12.77 -3.24 -0.30
C LEU A 230 -12.10 -3.53 -1.63
N PHE A 231 -11.44 -2.52 -2.19
CA PHE A 231 -10.80 -2.65 -3.50
C PHE A 231 -9.29 -2.82 -3.39
N PRO A 232 -8.78 -3.99 -3.82
CA PRO A 232 -7.33 -4.07 -4.01
C PRO A 232 -6.88 -3.09 -5.09
N VAL A 233 -5.69 -2.52 -4.93
CA VAL A 233 -5.15 -1.56 -5.89
C VAL A 233 -3.69 -1.88 -6.13
N HIS A 234 -3.20 -1.60 -7.34
CA HIS A 234 -1.80 -1.82 -7.66
C HIS A 234 -1.22 -0.67 -8.47
N CYS A 235 0.01 -0.30 -8.16
CA CYS A 235 0.73 0.72 -8.90
C CYS A 235 2.05 0.14 -9.37
N TRP A 236 2.52 0.62 -10.52
CA TRP A 236 3.79 0.15 -11.07
C TRP A 236 4.36 1.22 -11.99
N PHE A 237 5.60 1.00 -12.42
CA PHE A 237 6.23 1.91 -13.38
C PHE A 237 6.08 1.39 -14.80
N GLU A 238 5.60 2.26 -15.68
CA GLU A 238 5.29 1.91 -17.07
C GLU A 238 6.10 2.81 -17.98
N GLY A 239 7.29 2.37 -18.35
CA GLY A 239 8.22 3.21 -19.08
C GLY A 239 8.61 4.38 -18.19
N ASP A 240 8.61 5.57 -18.75
CA ASP A 240 8.91 6.77 -17.97
C ASP A 240 7.62 7.35 -17.39
N GLY A 241 6.60 6.51 -17.28
CA GLY A 241 5.31 6.92 -16.76
C GLY A 241 4.89 6.07 -15.58
N TRP A 242 3.58 6.06 -15.31
CA TRP A 242 3.04 5.36 -14.15
C TRP A 242 1.80 4.56 -14.51
N GLY A 243 1.74 3.35 -13.95
CA GLY A 243 0.62 2.46 -14.13
C GLY A 243 -0.17 2.30 -12.84
N MET A 244 -1.49 2.28 -12.97
CA MET A 244 -2.39 2.18 -11.82
C MET A 244 -3.63 1.39 -12.22
N ARG A 245 -4.12 0.56 -11.32
CA ARG A 245 -5.29 -0.27 -11.60
C ARG A 245 -6.08 -0.59 -10.33
N VAL A 246 -7.40 -0.53 -10.44
CA VAL A 246 -8.30 -0.92 -9.38
C VAL A 246 -8.89 -2.28 -9.72
N TYR A 247 -8.99 -3.15 -8.71
CA TYR A 247 -9.40 -4.54 -8.92
C TYR A 247 -10.77 -4.81 -8.30
N PRO A 248 -11.41 -5.92 -8.70
CA PRO A 248 -12.74 -6.27 -8.18
C PRO A 248 -12.80 -6.32 -6.66
N GLU A 249 -13.90 -5.85 -6.09
CA GLU A 249 -14.02 -5.80 -4.64
C GLU A 249 -14.13 -7.20 -4.05
N LEU A 250 -13.64 -7.35 -2.82
CA LEU A 250 -13.62 -8.66 -2.17
C LEU A 250 -14.88 -8.93 -1.35
N ASP A 251 -15.14 -10.21 -1.10
CA ASP A 251 -16.29 -10.62 -0.30
C ASP A 251 -16.03 -10.33 1.18
N THR A 252 -16.76 -9.37 1.72
CA THR A 252 -16.62 -9.00 3.13
C THR A 252 -17.67 -9.69 4.02
N SER A 253 -18.51 -10.51 3.40
CA SER A 253 -19.65 -11.12 4.08
C SER A 253 -19.27 -11.96 5.30
N SER A 254 -18.39 -12.94 5.09
CA SER A 254 -18.07 -13.93 6.12
C SER A 254 -17.67 -13.31 7.45
N GLY A 255 -17.14 -12.09 7.41
CA GLY A 255 -16.71 -11.41 8.61
C GLY A 255 -15.34 -11.88 9.09
N ASP A 256 -14.79 -12.88 8.42
CA ASP A 256 -13.49 -13.43 8.79
C ASP A 256 -12.37 -12.51 8.29
N VAL A 257 -11.82 -11.73 9.21
CA VAL A 257 -10.71 -10.83 8.91
C VAL A 257 -9.54 -11.59 8.30
N THR A 258 -9.28 -12.78 8.83
CA THR A 258 -8.16 -13.60 8.37
C THR A 258 -8.32 -13.98 6.90
N ALA A 259 -9.45 -14.58 6.56
CA ALA A 259 -9.69 -15.04 5.20
C ALA A 259 -9.84 -13.87 4.22
N ILE A 260 -10.25 -12.72 4.74
CA ILE A 260 -10.35 -11.50 3.93
C ILE A 260 -8.96 -11.00 3.59
N THR A 261 -8.16 -10.78 4.63
CA THR A 261 -6.79 -10.31 4.46
C THR A 261 -5.99 -11.29 3.62
N GLN A 262 -6.31 -12.57 3.75
CA GLN A 262 -5.62 -13.61 2.98
C GLN A 262 -5.93 -13.47 1.49
N ALA A 263 -7.20 -13.26 1.17
CA ALA A 263 -7.61 -13.10 -0.22
C ALA A 263 -7.01 -11.83 -0.81
N LEU A 264 -6.78 -10.84 0.04
CA LEU A 264 -6.20 -9.57 -0.39
C LEU A 264 -4.70 -9.74 -0.63
N ALA A 265 -4.08 -10.67 0.07
CA ALA A 265 -2.67 -10.98 -0.13
C ALA A 265 -2.48 -11.81 -1.40
N ASP A 266 -3.40 -12.73 -1.63
CA ASP A 266 -3.36 -13.55 -2.84
C ASP A 266 -3.50 -12.68 -4.08
N ARG A 267 -4.16 -11.54 -3.94
CA ARG A 267 -4.31 -10.60 -5.04
C ARG A 267 -3.07 -9.75 -5.19
N PHE A 268 -2.50 -9.33 -4.06
CA PHE A 268 -1.24 -8.59 -4.07
C PHE A 268 -0.15 -9.44 -4.72
N ALA A 269 -0.10 -10.71 -4.32
CA ALA A 269 0.91 -11.63 -4.84
C ALA A 269 0.85 -11.73 -6.36
N ALA A 270 -0.33 -12.00 -6.90
CA ALA A 270 -0.51 -12.14 -8.34
C ALA A 270 -0.09 -10.87 -9.08
N ASN A 271 -0.41 -9.72 -8.50
CA ASN A 271 -0.07 -8.46 -9.13
C ASN A 271 1.41 -8.16 -9.07
N ILE A 272 2.04 -8.54 -7.96
CA ILE A 272 3.47 -8.38 -7.81
C ILE A 272 4.23 -9.29 -8.77
N ALA A 273 3.77 -10.53 -8.89
CA ALA A 273 4.40 -11.47 -9.82
C ALA A 273 4.23 -11.02 -11.27
N THR A 274 3.29 -10.13 -11.52
CA THR A 274 3.10 -9.55 -12.84
C THR A 274 4.07 -8.40 -13.07
N TYR A 275 4.41 -7.68 -12.00
CA TYR A 275 5.35 -6.57 -12.07
C TYR A 275 6.42 -6.71 -10.99
N PRO A 276 7.19 -7.81 -11.05
CA PRO A 276 8.10 -8.18 -9.96
C PRO A 276 9.25 -7.20 -9.74
N ALA A 277 9.47 -6.28 -10.67
CA ALA A 277 10.55 -5.30 -10.54
C ALA A 277 10.04 -3.96 -10.01
N ASP A 278 8.75 -3.86 -9.74
CA ASP A 278 8.16 -2.62 -9.28
C ASP A 278 7.87 -2.63 -7.78
N TRP A 279 7.87 -3.82 -7.20
CA TRP A 279 7.67 -3.97 -5.76
C TRP A 279 9.00 -3.80 -5.04
N HIS A 280 9.36 -2.55 -4.77
CA HIS A 280 10.65 -2.25 -4.16
C HIS A 280 10.59 -2.31 -2.64
N MET A 281 10.50 -3.53 -2.12
CA MET A 281 10.53 -3.77 -0.68
C MET A 281 11.93 -4.17 -0.26
N LEU A 282 12.65 -3.24 0.36
CA LEU A 282 14.01 -3.50 0.82
C LEU A 282 14.06 -3.83 2.31
N GLN A 283 12.90 -3.77 2.97
CA GLN A 283 12.79 -4.13 4.37
C GLN A 283 12.34 -5.59 4.47
N PRO A 284 12.54 -6.21 5.64
CA PRO A 284 12.02 -7.57 5.83
C PRO A 284 10.51 -7.64 5.64
N GLN A 285 10.02 -8.73 5.05
CA GLN A 285 8.61 -8.92 4.80
C GLN A 285 8.14 -10.20 5.47
N TRP A 286 8.88 -11.28 5.24
CA TRP A 286 8.54 -12.57 5.79
C TRP A 286 9.18 -12.77 7.17
N ILE A 287 8.46 -13.49 8.01
CA ILE A 287 8.83 -13.65 9.42
C ILE A 287 10.20 -14.30 9.60
N ALA A 288 10.46 -15.37 8.85
CA ALA A 288 11.69 -16.14 9.03
C ALA A 288 12.96 -15.33 8.76
N ASP A 289 12.81 -14.19 8.09
CA ASP A 289 13.95 -13.30 7.81
C ASP A 289 14.25 -12.38 9.00
N LEU A 290 13.49 -12.54 10.08
CA LEU A 290 13.67 -11.70 11.26
C LEU A 290 14.55 -12.39 12.29
N SER A 291 15.23 -11.58 13.11
CA SER A 291 16.04 -12.10 14.21
C SER A 291 15.14 -12.69 15.28
N ASP A 292 15.71 -13.52 16.15
CA ASP A 292 14.96 -14.06 17.28
C ASP A 292 14.47 -12.95 18.18
N GLU A 293 15.14 -11.80 18.14
CA GLU A 293 14.77 -10.66 18.95
C GLU A 293 13.54 -9.94 18.40
N ARG A 294 13.59 -9.62 17.11
CA ARG A 294 12.51 -8.87 16.46
C ARG A 294 11.28 -9.74 16.29
N ARG A 295 11.46 -11.06 16.36
CA ARG A 295 10.36 -11.99 16.21
C ARG A 295 9.69 -12.25 17.56
N ALA A 296 10.40 -11.98 18.64
CA ALA A 296 9.84 -12.06 19.97
C ALA A 296 8.85 -10.92 20.19
N ARG A 297 9.08 -9.84 19.45
CA ARG A 297 8.31 -8.61 19.58
C ARG A 297 6.86 -8.75 19.10
N LEU A 298 6.57 -9.82 18.37
CA LEU A 298 5.24 -10.01 17.78
C LEU A 298 4.51 -11.23 18.34
N GLY A 299 5.19 -12.00 19.19
CA GLY A 299 4.59 -13.17 19.80
C GLY A 299 4.13 -14.19 18.77
C1 PLM B . 5.34 4.66 4.14
O1 PLM B . 5.98 3.71 4.68
O2 PLM B . 5.71 5.84 3.94
C2 PLM B . 3.88 4.28 3.68
C3 PLM B . 2.77 5.18 4.22
C4 PLM B . 2.32 6.31 3.27
C5 PLM B . 0.88 6.15 2.78
C6 PLM B . 0.55 7.00 1.55
C7 PLM B . -0.80 6.65 0.93
C8 PLM B . -0.98 7.08 -0.53
C9 PLM B . -1.74 6.05 -1.37
CA PLM B . -2.64 6.67 -2.43
CB PLM B . -3.31 5.63 -3.31
CC PLM B . -4.16 6.24 -4.43
CD PLM B . -5.28 5.33 -4.91
CE PLM B . -5.73 5.62 -6.35
CF PLM B . -6.62 4.53 -6.95
CG PLM B . -6.01 3.87 -8.18
C1 EOH C . 10.35 2.36 0.06
C2 EOH C . 10.83 3.79 -0.15
O EOH C . 10.33 1.62 -1.15
NA NA D . 25.12 -12.43 -12.05
#